data_4HRG
#
_entry.id   4HRG
#
_cell.length_a   46.278
_cell.length_b   55.645
_cell.length_c   60.616
_cell.angle_alpha   90.00
_cell.angle_beta   105.98
_cell.angle_gamma   90.00
#
_symmetry.space_group_name_H-M   'P 1 21 1'
#
loop_
_entity.id
_entity.type
_entity.pdbx_description
1 polymer 'Protein S100-A10'
2 polymer 'Neuroblast differentiation-associated protein AHNAK'
3 water water
#
loop_
_entity_poly.entity_id
_entity_poly.type
_entity_poly.pdbx_seq_one_letter_code
_entity_poly.pdbx_strand_id
1 'polypeptide(L)'
;SMPSQMEHAMETMMFTFHKFAGDKGYLTKEDLRVLMEKEFPGFLENQKDPLAVDKIMKDLDQCRDGKVGFQSFFSLIAGL
TIACNDYFVVHMKQENLYFQGDSTVHEILSKLSLE
;
A,B
2 'polypeptide(L)' QKVTFPKMKIPKFTF C,D
#
# COMPACT_ATOMS: atom_id res chain seq x y z
N MET A 2 -10.15 -9.12 14.89
CA MET A 2 -10.31 -7.72 15.20
C MET A 2 -9.22 -6.82 14.62
N PRO A 3 -8.74 -7.10 13.45
CA PRO A 3 -7.86 -6.13 12.83
C PRO A 3 -8.68 -5.03 12.19
N SER A 4 -8.20 -3.80 12.19
CA SER A 4 -8.85 -2.75 11.47
C SER A 4 -8.84 -3.03 9.97
N GLN A 5 -9.58 -2.23 9.23
CA GLN A 5 -9.58 -2.39 7.78
C GLN A 5 -8.20 -2.16 7.21
N MET A 6 -7.51 -1.13 7.68
CA MET A 6 -6.15 -0.86 7.17
C MET A 6 -5.18 -1.99 7.51
N GLU A 7 -5.26 -2.53 8.71
CA GLU A 7 -4.33 -3.57 9.11
C GLU A 7 -4.51 -4.83 8.22
N HIS A 8 -5.76 -5.12 7.89
CA HIS A 8 -6.07 -6.30 7.08
C HIS A 8 -5.60 -6.06 5.64
N ALA A 9 -5.80 -4.84 5.13
CA ALA A 9 -5.31 -4.47 3.79
C ALA A 9 -3.79 -4.66 3.69
N MET A 10 -3.06 -4.16 4.67
CA MET A 10 -1.61 -4.34 4.73
C MET A 10 -1.23 -5.80 4.76
N GLU A 11 -1.92 -6.57 5.58
CA GLU A 11 -1.67 -8.00 5.67
C GLU A 11 -1.91 -8.69 4.33
N THR A 12 -2.95 -8.26 3.64
CA THR A 12 -3.26 -8.80 2.32
C THR A 12 -2.09 -8.61 1.36
N MET A 13 -1.52 -7.42 1.36
CA MET A 13 -0.43 -7.10 0.48
C MET A 13 0.83 -7.85 0.83
N MET A 14 1.14 -7.96 2.12
CA MET A 14 2.26 -8.75 2.58
C MET A 14 2.15 -10.19 2.11
N PHE A 15 1.02 -10.80 2.45
CA PHE A 15 0.82 -12.20 2.21
C PHE A 15 0.69 -12.53 0.73
N THR A 16 0.13 -11.62 -0.04
CA THR A 16 0.05 -11.80 -1.49
C THR A 16 1.45 -11.92 -2.06
N PHE A 17 2.36 -11.01 -1.67
CA PHE A 17 3.72 -11.09 -2.16
C PHE A 17 4.31 -12.47 -1.88
N HIS A 18 4.25 -12.87 -0.61
CA HIS A 18 4.87 -14.14 -0.22
C HIS A 18 4.20 -15.34 -0.88
N LYS A 19 2.93 -15.21 -1.23
CA LYS A 19 2.24 -16.31 -1.89
C LYS A 19 2.87 -16.60 -3.25
N PHE A 20 3.16 -15.53 -4.00
CA PHE A 20 3.74 -15.72 -5.32
C PHE A 20 5.27 -15.76 -5.31
N ALA A 21 5.88 -15.13 -4.31
CA ALA A 21 7.33 -15.17 -4.16
C ALA A 21 7.84 -16.55 -3.72
N GLY A 22 7.10 -17.17 -2.81
CA GLY A 22 7.51 -18.44 -2.28
C GLY A 22 8.74 -18.27 -1.43
N ASP A 23 9.38 -19.39 -1.09
CA ASP A 23 10.53 -19.41 -0.19
C ASP A 23 11.73 -18.58 -0.64
N LYS A 24 11.98 -18.47 -1.95
CA LYS A 24 13.13 -17.68 -2.38
C LYS A 24 12.98 -16.20 -1.94
N GLY A 25 11.75 -15.79 -1.66
CA GLY A 25 11.53 -14.48 -1.06
C GLY A 25 11.52 -13.31 -2.03
N TYR A 26 11.52 -13.61 -3.33
CA TYR A 26 11.40 -12.58 -4.38
C TYR A 26 10.57 -13.09 -5.53
N LEU A 27 10.12 -12.16 -6.38
CA LEU A 27 9.31 -12.46 -7.57
C LEU A 27 10.17 -12.41 -8.83
N THR A 28 10.12 -13.45 -9.64
CA THR A 28 10.66 -13.34 -10.99
C THR A 28 9.65 -12.62 -11.84
N LYS A 29 10.02 -12.30 -13.07
CA LYS A 29 9.09 -11.71 -14.00
C LYS A 29 7.85 -12.61 -14.15
N GLU A 30 8.08 -13.91 -14.35
CA GLU A 30 6.96 -14.85 -14.48
C GLU A 30 6.09 -14.85 -13.22
N ASP A 31 6.72 -14.82 -12.04
CA ASP A 31 5.98 -14.75 -10.79
C ASP A 31 5.08 -13.52 -10.84
N LEU A 32 5.65 -12.39 -11.26
CA LEU A 32 4.89 -11.15 -11.24
C LEU A 32 3.74 -11.21 -12.25
N ARG A 33 3.97 -11.91 -13.35
CA ARG A 33 2.93 -12.02 -14.37
C ARG A 33 1.75 -12.80 -13.79
N VAL A 34 2.06 -13.91 -13.14
CA VAL A 34 1.03 -14.74 -12.51
C VAL A 34 0.33 -13.93 -11.41
N LEU A 35 1.10 -13.30 -10.56
CA LEU A 35 0.48 -12.47 -9.55
C LEU A 35 -0.55 -11.50 -10.14
N MET A 36 -0.10 -10.68 -11.10
CA MET A 36 -1.00 -9.74 -11.76
C MET A 36 -2.24 -10.37 -12.43
N GLU A 37 -2.10 -11.52 -13.09
CA GLU A 37 -3.26 -12.15 -13.75
C GLU A 37 -4.32 -12.62 -12.74
N LYS A 38 -3.90 -13.04 -11.55
CA LYS A 38 -4.85 -13.44 -10.51
C LYS A 38 -5.41 -12.24 -9.73
N GLU A 39 -4.53 -11.32 -9.34
CA GLU A 39 -4.90 -10.18 -8.47
C GLU A 39 -5.39 -8.90 -9.17
N PHE A 40 -5.05 -8.75 -10.44
CA PHE A 40 -5.60 -7.65 -11.26
C PHE A 40 -6.16 -8.20 -12.55
N PRO A 41 -7.18 -9.05 -12.42
CA PRO A 41 -7.70 -9.93 -13.48
C PRO A 41 -7.82 -9.25 -14.84
N GLY A 42 -8.40 -8.07 -14.91
CA GLY A 42 -8.55 -7.44 -16.22
C GLY A 42 -7.25 -7.01 -16.93
N PHE A 43 -6.21 -6.81 -16.12
CA PHE A 43 -5.31 -5.69 -16.32
C PHE A 43 -4.31 -5.81 -17.46
N LEU A 44 -3.38 -6.75 -17.33
CA LEU A 44 -2.40 -6.96 -18.41
C LEU A 44 -3.04 -7.06 -19.78
N GLU A 45 -4.05 -7.89 -19.89
CA GLU A 45 -4.59 -8.20 -21.21
C GLU A 45 -5.25 -6.95 -21.80
N ASN A 46 -5.77 -6.09 -20.93
CA ASN A 46 -6.43 -4.87 -21.37
C ASN A 46 -5.46 -3.89 -22.01
N GLN A 47 -4.20 -4.02 -21.61
CA GLN A 47 -3.10 -3.21 -22.09
C GLN A 47 -2.92 -3.69 -23.49
N LYS A 48 -2.50 -2.83 -24.38
CA LYS A 48 -2.45 -3.24 -25.78
C LYS A 48 -1.02 -3.47 -26.09
N ASP A 49 -0.42 -4.33 -25.27
CA ASP A 49 1.02 -4.48 -25.25
C ASP A 49 1.45 -5.73 -24.57
N PRO A 50 1.96 -6.67 -25.32
CA PRO A 50 2.36 -7.94 -24.69
C PRO A 50 3.65 -7.85 -23.88
N LEU A 51 4.36 -6.71 -23.90
CA LEU A 51 5.60 -6.57 -23.12
C LEU A 51 5.33 -5.73 -21.91
N ALA A 52 4.03 -5.61 -21.58
CA ALA A 52 3.61 -4.73 -20.50
C ALA A 52 4.30 -5.09 -19.18
N VAL A 53 4.26 -6.37 -18.83
CA VAL A 53 4.89 -6.78 -17.57
C VAL A 53 6.38 -6.51 -17.61
N ASP A 54 7.00 -6.73 -18.78
CA ASP A 54 8.45 -6.51 -18.89
C ASP A 54 8.76 -5.03 -18.69
N LYS A 55 7.93 -4.15 -19.23
CA LYS A 55 8.13 -2.71 -19.06
C LYS A 55 7.86 -2.32 -17.62
N ILE A 56 6.85 -2.92 -17.01
CA ILE A 56 6.56 -2.61 -15.64
C ILE A 56 7.75 -3.02 -14.78
N MET A 57 8.11 -4.30 -14.87
CA MET A 57 9.30 -4.84 -14.22
C MET A 57 10.51 -3.89 -14.35
N LYS A 58 10.71 -3.34 -15.55
CA LYS A 58 11.81 -2.42 -15.76
C LYS A 58 11.69 -1.11 -14.97
N ASP A 59 10.45 -0.68 -14.70
CA ASP A 59 10.24 0.63 -14.04
C ASP A 59 9.93 0.58 -12.53
N LEU A 60 10.17 -0.58 -11.94
CA LEU A 60 9.94 -0.77 -10.51
C LEU A 60 11.18 -0.45 -9.69
N ASP A 61 11.06 0.52 -8.79
CA ASP A 61 12.17 0.92 -7.95
C ASP A 61 12.90 -0.29 -7.37
N GLN A 62 14.20 -0.15 -7.15
CA GLN A 62 15.02 -1.24 -6.63
C GLN A 62 14.70 -2.54 -7.36
N CYS A 63 14.91 -2.56 -8.66
CA CYS A 63 14.59 -3.72 -9.49
C CYS A 63 15.45 -3.87 -10.76
N ARG A 64 16.55 -4.62 -10.66
CA ARG A 64 17.61 -4.49 -11.66
C ARG A 64 18.25 -5.79 -12.16
N ASP A 65 18.15 -6.91 -11.44
CA ASP A 65 18.66 -8.24 -11.88
C ASP A 65 17.68 -9.35 -11.91
N GLY A 66 16.54 -9.09 -12.47
CA GLY A 66 15.54 -10.11 -12.63
C GLY A 66 14.66 -10.37 -11.41
N LYS A 67 14.92 -9.67 -10.31
CA LYS A 67 14.23 -9.98 -9.07
C LYS A 67 13.44 -8.79 -8.51
N VAL A 68 12.22 -9.07 -8.10
CA VAL A 68 11.34 -8.07 -7.54
C VAL A 68 11.18 -8.37 -6.05
N GLY A 69 11.81 -7.56 -5.20
CA GLY A 69 11.61 -7.66 -3.75
C GLY A 69 10.33 -7.00 -3.26
N PHE A 70 10.11 -7.00 -1.94
CA PHE A 70 8.81 -6.53 -1.45
C PHE A 70 8.65 -5.05 -1.65
N GLN A 71 9.72 -4.31 -1.38
CA GLN A 71 9.72 -2.87 -1.56
C GLN A 71 9.42 -2.52 -3.02
N SER A 72 10.03 -3.27 -3.94
CA SER A 72 9.79 -3.07 -5.36
C SER A 72 8.34 -3.42 -5.70
N PHE A 73 7.84 -4.49 -5.09
CA PHE A 73 6.46 -4.91 -5.28
C PHE A 73 5.51 -3.82 -4.79
N PHE A 74 5.84 -3.22 -3.65
CA PHE A 74 5.04 -2.16 -3.10
C PHE A 74 5.02 -0.90 -3.98
N SER A 75 6.11 -0.64 -4.68
CA SER A 75 6.12 0.54 -5.56
C SER A 75 5.11 0.35 -6.72
N LEU A 76 4.97 -0.88 -7.21
CA LEU A 76 3.91 -1.22 -8.17
C LEU A 76 2.55 -0.88 -7.62
N ILE A 77 2.24 -1.35 -6.42
CA ILE A 77 0.94 -1.04 -5.82
C ILE A 77 0.79 0.46 -5.62
N ALA A 78 1.88 1.14 -5.22
CA ALA A 78 1.79 2.60 -5.04
C ALA A 78 1.36 3.26 -6.41
N GLY A 79 2.08 2.95 -7.46
CA GLY A 79 1.79 3.50 -8.78
C GLY A 79 0.36 3.28 -9.21
N LEU A 80 -0.12 2.05 -9.04
CA LEU A 80 -1.49 1.70 -9.45
C LEU A 80 -2.51 2.45 -8.59
N THR A 81 -2.32 2.43 -7.27
CA THR A 81 -3.33 3.00 -6.38
C THR A 81 -3.36 4.50 -6.50
N ILE A 82 -2.19 5.10 -6.64
CA ILE A 82 -2.13 6.55 -6.72
C ILE A 82 -2.81 6.97 -8.01
N ALA A 83 -2.60 6.23 -9.07
CA ALA A 83 -3.27 6.55 -10.36
C ALA A 83 -4.78 6.32 -10.26
N CYS A 84 -5.20 5.23 -9.62
CA CYS A 84 -6.62 5.00 -9.37
C CYS A 84 -7.21 6.17 -8.58
N ASN A 85 -6.49 6.66 -7.58
CA ASN A 85 -7.04 7.73 -6.77
C ASN A 85 -7.24 8.98 -7.59
N ASP A 86 -6.27 9.29 -8.44
CA ASP A 86 -6.36 10.49 -9.23
C ASP A 86 -7.57 10.41 -10.19
N TYR A 87 -7.80 9.23 -10.77
CA TYR A 87 -8.98 9.03 -11.62
C TYR A 87 -10.26 9.23 -10.82
N PHE A 88 -10.29 8.64 -9.63
CA PHE A 88 -11.43 8.71 -8.74
C PHE A 88 -11.73 10.15 -8.41
N VAL A 89 -10.68 10.90 -8.07
CA VAL A 89 -10.87 12.31 -7.69
C VAL A 89 -11.38 13.13 -8.89
N VAL A 90 -10.83 12.88 -10.08
CA VAL A 90 -11.25 13.65 -11.26
C VAL A 90 -12.66 13.29 -11.75
N HIS A 91 -12.96 12.00 -11.76
CA HIS A 91 -14.11 11.48 -12.51
C HIS A 91 -15.28 10.91 -11.70
N MET A 92 -15.04 10.57 -10.44
CA MET A 92 -16.02 9.80 -9.68
C MET A 92 -16.48 10.46 -8.38
N LYS A 93 -15.53 11.05 -7.65
CA LYS A 93 -15.78 11.51 -6.27
C LYS A 93 -16.96 12.49 -6.16
N GLN A 94 -17.03 13.45 -7.06
CA GLN A 94 -18.07 14.49 -6.99
C GLN A 94 -19.43 13.95 -7.38
N GLU A 95 -19.43 12.72 -7.92
CA GLU A 95 -20.57 12.24 -8.67
C GLU A 95 -21.41 11.24 -7.87
N ASN A 96 -20.86 10.77 -6.76
CA ASN A 96 -21.61 9.82 -5.92
C ASN A 96 -21.15 9.78 -4.47
N LEU A 97 -22.10 9.52 -3.56
CA LEU A 97 -21.80 9.48 -2.12
C LEU A 97 -21.48 8.08 -1.72
N TYR A 98 -21.87 7.15 -2.59
CA TYR A 98 -21.74 5.73 -2.29
C TYR A 98 -20.91 5.15 -3.40
N PHE A 99 -20.04 4.19 -3.07
CA PHE A 99 -19.20 3.51 -4.08
C PHE A 99 -19.20 2.04 -3.81
N GLN A 100 -19.18 1.19 -4.85
CA GLN A 100 -19.31 -0.26 -4.64
C GLN A 100 -18.01 -0.94 -4.22
N GLY A 101 -18.07 -1.75 -3.17
CA GLY A 101 -16.92 -2.46 -2.69
C GLY A 101 -16.68 -3.59 -3.63
N ASP A 102 -15.42 -3.98 -3.79
CA ASP A 102 -15.12 -5.11 -4.65
C ASP A 102 -15.48 -4.81 -6.08
N SER A 103 -15.66 -3.52 -6.36
CA SER A 103 -16.00 -3.11 -7.69
C SER A 103 -15.20 -1.89 -8.15
N THR A 104 -15.19 -0.81 -7.39
CA THR A 104 -14.64 0.42 -7.98
C THR A 104 -13.18 0.42 -8.45
N VAL A 105 -12.26 -0.18 -7.70
CA VAL A 105 -10.87 -0.18 -8.13
C VAL A 105 -10.70 -1.08 -9.35
N HIS A 106 -11.46 -2.16 -9.39
CA HIS A 106 -11.43 -3.00 -10.59
C HIS A 106 -11.86 -2.16 -11.80
N GLU A 107 -12.88 -1.34 -11.60
CA GLU A 107 -13.41 -0.55 -12.73
C GLU A 107 -12.40 0.49 -13.19
N ILE A 108 -11.79 1.17 -12.24
CA ILE A 108 -10.77 2.17 -12.54
C ILE A 108 -9.51 1.57 -13.17
N LEU A 109 -9.09 0.40 -12.74
CA LEU A 109 -7.86 -0.17 -13.31
C LEU A 109 -8.03 -0.36 -14.83
N SER A 110 -9.25 -0.64 -15.26
CA SER A 110 -9.52 -0.87 -16.69
C SER A 110 -9.36 0.42 -17.50
N LYS A 111 -9.25 1.55 -16.81
CA LYS A 111 -9.11 2.84 -17.47
C LYS A 111 -7.66 3.29 -17.59
N LEU A 112 -6.76 2.50 -17.01
CA LEU A 112 -5.36 2.90 -16.88
C LEU A 112 -4.54 2.22 -17.93
N SER A 113 -3.51 2.91 -18.39
CA SER A 113 -2.45 2.27 -19.16
C SER A 113 -1.10 2.75 -18.63
N LEU A 114 -0.07 1.90 -18.76
CA LEU A 114 1.27 2.29 -18.37
C LEU A 114 1.69 3.47 -19.24
N GLU A 115 2.46 4.39 -18.67
CA GLU A 115 3.00 5.52 -19.43
C GLU A 115 3.73 5.01 -20.67
N PRO B 3 -13.67 -9.32 -6.33
CA PRO B 3 -13.29 -10.00 -5.10
C PRO B 3 -11.82 -10.41 -5.06
N SER B 4 -11.04 -9.91 -6.01
CA SER B 4 -9.59 -9.92 -5.87
C SER B 4 -9.23 -9.29 -4.52
N GLN B 5 -8.35 -9.95 -3.75
CA GLN B 5 -7.96 -9.41 -2.46
C GLN B 5 -7.13 -8.12 -2.63
N MET B 6 -6.26 -8.09 -3.64
CA MET B 6 -5.44 -6.89 -3.84
C MET B 6 -6.32 -5.68 -4.22
N GLU B 7 -7.29 -5.88 -5.11
CA GLU B 7 -8.16 -4.76 -5.51
C GLU B 7 -8.97 -4.30 -4.31
N HIS B 8 -9.40 -5.26 -3.50
CA HIS B 8 -10.08 -4.88 -2.26
C HIS B 8 -9.18 -4.04 -1.33
N ALA B 9 -7.93 -4.46 -1.16
CA ALA B 9 -7.00 -3.75 -0.29
C ALA B 9 -6.74 -2.32 -0.80
N MET B 10 -6.64 -2.15 -2.12
CA MET B 10 -6.45 -0.80 -2.69
C MET B 10 -7.62 0.11 -2.40
N GLU B 11 -8.84 -0.43 -2.54
CA GLU B 11 -10.04 0.33 -2.24
C GLU B 11 -10.03 0.78 -0.81
N THR B 12 -9.58 -0.10 0.09
CA THR B 12 -9.53 0.23 1.49
C THR B 12 -8.63 1.43 1.72
N MET B 13 -7.46 1.41 1.10
CA MET B 13 -6.50 2.49 1.27
C MET B 13 -6.98 3.82 0.69
N MET B 14 -7.55 3.75 -0.51
CA MET B 14 -8.14 4.95 -1.13
C MET B 14 -9.29 5.53 -0.33
N PHE B 15 -10.26 4.69 0.02
CA PHE B 15 -11.42 5.21 0.72
C PHE B 15 -11.15 5.57 2.17
N THR B 16 -10.19 4.92 2.80
CA THR B 16 -9.77 5.35 4.14
C THR B 16 -9.22 6.77 4.10
N PHE B 17 -8.43 7.09 3.08
CA PHE B 17 -7.88 8.43 3.01
C PHE B 17 -9.00 9.45 2.89
N HIS B 18 -9.91 9.20 1.95
CA HIS B 18 -11.01 10.16 1.72
C HIS B 18 -12.03 10.27 2.87
N LYS B 19 -12.20 9.20 3.61
CA LYS B 19 -13.09 9.26 4.75
C LYS B 19 -12.53 10.29 5.72
N PHE B 20 -11.22 10.27 5.94
CA PHE B 20 -10.65 11.16 6.95
C PHE B 20 -10.21 12.52 6.40
N ALA B 21 -9.97 12.62 5.11
CA ALA B 21 -9.57 13.88 4.51
C ALA B 21 -10.78 14.78 4.20
N GLY B 22 -11.94 14.16 3.99
CA GLY B 22 -13.15 14.85 3.60
C GLY B 22 -13.06 15.63 2.31
N ASP B 23 -13.99 16.56 2.13
CA ASP B 23 -14.11 17.39 0.95
C ASP B 23 -12.82 18.14 0.60
N LYS B 24 -12.09 18.65 1.60
CA LYS B 24 -10.87 19.41 1.31
C LYS B 24 -9.83 18.53 0.60
N GLY B 25 -9.93 17.21 0.78
CA GLY B 25 -9.09 16.28 0.04
C GLY B 25 -7.66 16.15 0.50
N TYR B 26 -7.39 16.59 1.71
CA TYR B 26 -6.11 16.32 2.35
C TYR B 26 -6.32 16.10 3.84
N LEU B 27 -5.31 15.54 4.49
CA LEU B 27 -5.32 15.30 5.94
C LEU B 27 -4.53 16.39 6.66
N THR B 28 -5.09 16.90 7.76
CA THR B 28 -4.32 17.74 8.66
C THR B 28 -3.54 16.83 9.59
N LYS B 29 -2.78 17.43 10.49
CA LYS B 29 -2.06 16.63 11.48
C LYS B 29 -3.11 15.95 12.38
N GLU B 30 -4.15 16.70 12.72
CA GLU B 30 -5.25 16.19 13.56
C GLU B 30 -6.03 15.09 12.86
N ASP B 31 -6.24 15.21 11.53
CA ASP B 31 -6.96 14.19 10.78
C ASP B 31 -6.12 12.92 10.75
N LEU B 32 -4.81 13.07 10.58
CA LEU B 32 -3.92 11.92 10.56
C LEU B 32 -3.91 11.22 11.91
N ARG B 33 -3.93 12.01 12.98
CA ARG B 33 -3.92 11.46 14.33
C ARG B 33 -5.17 10.62 14.58
N VAL B 34 -6.31 11.14 14.12
CA VAL B 34 -7.59 10.45 14.25
C VAL B 34 -7.62 9.22 13.35
N LEU B 35 -7.13 9.35 12.12
CA LEU B 35 -6.98 8.18 11.24
C LEU B 35 -6.12 7.05 11.86
N MET B 36 -4.94 7.40 12.33
CA MET B 36 -4.05 6.43 12.94
C MET B 36 -4.62 5.81 14.20
N GLU B 37 -5.33 6.60 14.98
CA GLU B 37 -5.91 6.10 16.22
C GLU B 37 -6.94 5.01 15.97
N LYS B 38 -7.71 5.17 14.90
CA LYS B 38 -8.72 4.19 14.48
C LYS B 38 -8.15 3.05 13.63
N GLU B 39 -7.26 3.37 12.70
CA GLU B 39 -6.78 2.32 11.79
C GLU B 39 -5.52 1.61 12.25
N PHE B 40 -4.77 2.22 13.18
CA PHE B 40 -3.61 1.53 13.76
C PHE B 40 -3.76 1.63 15.27
N PRO B 41 -4.82 1.00 15.80
CA PRO B 41 -5.19 1.12 17.22
C PRO B 41 -4.04 0.70 18.11
N GLY B 42 -3.70 1.53 19.09
CA GLY B 42 -2.62 1.21 20.00
C GLY B 42 -1.26 1.66 19.48
N PHE B 43 -1.13 1.84 18.17
CA PHE B 43 0.19 2.13 17.58
C PHE B 43 0.84 3.39 18.14
N LEU B 44 0.15 4.53 18.07
CA LEU B 44 0.75 5.79 18.55
C LEU B 44 0.99 5.72 20.04
N GLU B 45 0.02 5.12 20.73
CA GLU B 45 0.09 5.10 22.19
C GLU B 45 1.28 4.24 22.59
N ASN B 46 1.51 3.16 21.84
CA ASN B 46 2.68 2.33 22.08
C ASN B 46 3.99 3.10 21.87
N GLN B 47 4.01 4.02 20.93
CA GLN B 47 5.17 4.88 20.78
C GLN B 47 5.27 5.57 22.11
N LYS B 48 6.47 5.87 22.56
CA LYS B 48 6.57 6.46 23.90
C LYS B 48 6.61 7.96 23.81
N ASP B 49 5.88 8.52 22.84
CA ASP B 49 6.16 9.87 22.38
C ASP B 49 4.92 10.69 22.02
N PRO B 50 4.64 11.72 22.81
CA PRO B 50 3.46 12.51 22.43
C PRO B 50 3.65 13.26 21.12
N LEU B 51 4.87 13.31 20.57
CA LEU B 51 5.10 14.02 19.30
C LEU B 51 5.30 13.07 18.13
N ALA B 52 4.94 11.79 18.32
CA ALA B 52 5.16 10.80 17.26
C ALA B 52 4.51 11.20 15.95
N VAL B 53 3.26 11.68 16.00
CA VAL B 53 2.57 12.04 14.76
C VAL B 53 3.25 13.22 14.07
N ASP B 54 3.67 14.20 14.85
CA ASP B 54 4.36 15.36 14.31
C ASP B 54 5.62 14.91 13.62
N LYS B 55 6.32 13.96 14.25
CA LYS B 55 7.57 13.43 13.68
C LYS B 55 7.24 12.65 12.41
N ILE B 56 6.15 11.91 12.43
CA ILE B 56 5.86 11.07 11.27
C ILE B 56 5.61 11.95 10.06
N MET B 57 4.73 12.93 10.23
CA MET B 57 4.44 13.90 9.18
C MET B 57 5.71 14.45 8.54
N LYS B 58 6.61 14.92 9.40
CA LYS B 58 7.87 15.47 8.96
C LYS B 58 8.58 14.54 7.98
N ASP B 59 8.41 13.23 8.16
CA ASP B 59 9.13 12.24 7.37
C ASP B 59 8.33 11.70 6.19
N LEU B 60 7.13 12.22 5.98
CA LEU B 60 6.30 11.75 4.87
C LEU B 60 6.80 12.34 3.55
N ASP B 61 6.47 11.71 2.43
CA ASP B 61 6.77 12.26 1.11
C ASP B 61 5.81 13.27 0.46
N GLN B 62 6.37 14.40 0.06
CA GLN B 62 5.64 15.54 -0.51
C GLN B 62 4.75 16.17 0.57
N CYS B 63 5.30 16.38 1.74
CA CYS B 63 4.59 16.89 2.91
C CYS B 63 5.31 18.10 3.50
N ARG B 64 4.78 19.31 3.28
CA ARG B 64 5.57 20.53 3.56
C ARG B 64 4.81 21.73 4.14
N ASP B 65 3.48 21.74 4.01
CA ASP B 65 2.70 22.88 4.43
C ASP B 65 1.52 22.50 5.33
N GLY B 66 1.73 21.48 6.15
CA GLY B 66 0.70 21.03 7.07
C GLY B 66 -0.34 20.12 6.45
N LYS B 67 -0.23 19.85 5.14
CA LYS B 67 -1.24 19.04 4.46
C LYS B 67 -0.69 17.70 3.96
N VAL B 68 -1.39 16.62 4.29
CA VAL B 68 -1.00 15.28 3.83
C VAL B 68 -1.93 14.88 2.67
N GLY B 69 -1.41 14.90 1.44
CA GLY B 69 -2.15 14.42 0.26
C GLY B 69 -2.10 12.90 0.12
N PHE B 70 -2.67 12.35 -0.95
CA PHE B 70 -2.81 10.91 -0.98
C PHE B 70 -1.48 10.20 -1.14
N GLN B 71 -0.63 10.68 -2.03
CA GLN B 71 0.67 10.04 -2.22
C GLN B 71 1.47 10.08 -0.90
N SER B 72 1.39 11.21 -0.18
CA SER B 72 2.00 11.32 1.13
C SER B 72 1.46 10.23 2.04
N PHE B 73 0.13 10.17 2.16
CA PHE B 73 -0.53 9.11 2.92
C PHE B 73 0.00 7.76 2.47
N PHE B 74 0.11 7.56 1.16
CA PHE B 74 0.57 6.24 0.74
C PHE B 74 2.00 5.96 1.24
N SER B 75 2.84 6.98 1.32
CA SER B 75 4.22 6.72 1.76
C SER B 75 4.26 6.27 3.23
N LEU B 76 3.28 6.72 4.03
CA LEU B 76 3.10 6.24 5.42
C LEU B 76 2.78 4.76 5.41
N ILE B 77 1.81 4.37 4.59
CA ILE B 77 1.40 2.97 4.51
C ILE B 77 2.58 2.13 4.04
N ALA B 78 3.33 2.66 3.09
CA ALA B 78 4.47 1.93 2.51
C ALA B 78 5.52 1.71 3.62
N GLY B 79 5.85 2.78 4.32
CA GLY B 79 6.85 2.70 5.37
C GLY B 79 6.47 1.71 6.45
N LEU B 80 5.21 1.72 6.87
CA LEU B 80 4.75 0.76 7.87
C LEU B 80 4.73 -0.65 7.31
N THR B 81 4.24 -0.81 6.09
CA THR B 81 4.08 -2.18 5.57
C THR B 81 5.45 -2.80 5.25
N ILE B 82 6.36 -1.99 4.75
CA ILE B 82 7.66 -2.53 4.39
C ILE B 82 8.33 -2.97 5.68
N ALA B 83 8.22 -2.14 6.72
CA ALA B 83 8.85 -2.48 8.01
C ALA B 83 8.19 -3.73 8.61
N CYS B 84 6.87 -3.82 8.51
CA CYS B 84 6.20 -5.04 9.01
C CYS B 84 6.71 -6.28 8.26
N ASN B 85 6.95 -6.13 6.97
CA ASN B 85 7.39 -7.27 6.19
C ASN B 85 8.79 -7.70 6.58
N ASP B 86 9.67 -6.73 6.79
CA ASP B 86 11.04 -7.06 7.24
C ASP B 86 10.99 -7.83 8.56
N TYR B 87 10.11 -7.34 9.43
CA TYR B 87 9.93 -7.99 10.72
C TYR B 87 9.43 -9.43 10.55
N PHE B 88 8.35 -9.56 9.79
CA PHE B 88 7.80 -10.86 9.45
C PHE B 88 8.84 -11.81 8.87
N VAL B 89 9.58 -11.36 7.86
CA VAL B 89 10.60 -12.21 7.24
C VAL B 89 11.60 -12.67 8.30
N VAL B 90 12.01 -11.77 9.19
CA VAL B 90 13.05 -12.13 10.17
C VAL B 90 12.56 -13.02 11.31
N HIS B 91 11.34 -12.77 11.79
CA HIS B 91 10.88 -13.32 13.05
C HIS B 91 9.70 -14.28 12.99
N MET B 92 9.02 -14.30 11.85
CA MET B 92 7.76 -15.05 11.78
C MET B 92 7.64 -16.03 10.61
N LYS B 93 8.28 -15.74 9.47
CA LYS B 93 8.06 -16.53 8.26
C LYS B 93 8.65 -17.94 8.30
N GLN B 94 9.99 -18.01 8.44
CA GLN B 94 10.78 -19.24 8.25
C GLN B 94 10.98 -19.88 9.60
N GLU B 95 10.29 -19.35 10.60
CA GLU B 95 10.89 -19.34 11.93
C GLU B 95 10.51 -20.29 13.09
N ASN B 96 9.42 -21.00 13.04
CA ASN B 96 8.76 -21.52 11.91
C ASN B 96 7.49 -20.73 11.70
N LEU B 97 6.48 -21.03 12.54
CA LEU B 97 5.61 -20.10 13.31
C LEU B 97 4.84 -21.09 14.14
N TYR B 98 4.28 -20.60 15.21
CA TYR B 98 2.91 -20.89 15.54
C TYR B 98 2.45 -19.69 16.36
N PHE B 99 2.02 -18.69 15.60
CA PHE B 99 1.47 -17.48 16.16
C PHE B 99 -0.04 -17.62 16.01
N GLN B 100 -0.77 -17.37 17.08
CA GLN B 100 -2.21 -17.61 17.06
C GLN B 100 -3.06 -16.34 17.20
N GLY B 101 -2.47 -15.17 17.00
CA GLY B 101 -3.24 -13.94 17.03
C GLY B 101 -4.17 -13.84 15.84
N ASP B 102 -5.19 -12.99 15.94
CA ASP B 102 -6.13 -12.81 14.83
C ASP B 102 -5.48 -12.05 13.67
N SER B 103 -4.56 -11.14 13.99
CA SER B 103 -3.93 -10.29 12.99
C SER B 103 -2.41 -10.27 13.18
N THR B 104 -1.64 -10.76 12.20
CA THR B 104 -0.18 -10.71 12.37
C THR B 104 0.32 -9.26 12.18
N VAL B 105 -0.34 -8.49 11.32
CA VAL B 105 0.10 -7.11 11.14
C VAL B 105 -0.19 -6.29 12.42
N HIS B 106 -1.33 -6.51 13.05
CA HIS B 106 -1.54 -5.82 14.35
C HIS B 106 -0.38 -6.14 15.30
N GLU B 107 0.00 -7.40 15.39
CA GLU B 107 1.05 -7.84 16.33
C GLU B 107 2.39 -7.21 15.95
N ILE B 108 2.72 -7.21 14.66
CA ILE B 108 4.03 -6.69 14.26
C ILE B 108 4.06 -5.19 14.48
N LEU B 109 2.92 -4.53 14.31
CA LEU B 109 2.90 -3.07 14.45
C LEU B 109 3.25 -2.68 15.89
N SER B 110 2.93 -3.55 16.83
CA SER B 110 3.25 -3.29 18.23
C SER B 110 4.75 -3.46 18.53
N LYS B 111 5.50 -3.94 17.54
CA LYS B 111 6.95 -4.11 17.67
C LYS B 111 7.75 -2.99 17.00
N LEU B 112 7.09 -2.08 16.26
CA LEU B 112 7.79 -1.01 15.54
C LEU B 112 7.89 0.34 16.30
N SER B 113 8.93 1.11 15.99
CA SER B 113 8.97 2.52 16.38
C SER B 113 9.61 3.34 15.24
N LEU B 114 9.41 4.65 15.23
CA LEU B 114 10.07 5.49 14.21
C LEU B 114 11.54 5.67 14.57
N GLU B 115 12.41 5.57 13.56
CA GLU B 115 13.86 5.65 13.78
C GLU B 115 14.26 6.87 14.59
N MET C 8 11.65 6.13 -2.88
CA MET C 8 10.96 5.10 -3.66
C MET C 8 10.47 5.59 -5.03
N LYS C 9 11.09 5.06 -6.08
CA LYS C 9 10.63 5.22 -7.45
C LYS C 9 9.27 4.56 -7.66
N ILE C 10 8.40 5.20 -8.39
CA ILE C 10 7.07 4.64 -8.59
C ILE C 10 6.71 4.67 -10.07
N PRO C 11 6.24 3.54 -10.61
CA PRO C 11 5.85 3.55 -12.02
C PRO C 11 4.66 4.50 -12.19
N LYS C 12 4.58 5.12 -13.35
CA LYS C 12 3.49 6.03 -13.67
C LYS C 12 2.48 5.36 -14.55
N PHE C 13 1.23 5.29 -14.11
CA PHE C 13 0.14 4.89 -14.98
C PHE C 13 -0.71 6.12 -15.36
N THR C 14 -1.28 6.13 -16.55
CA THR C 14 -2.07 7.28 -17.03
C THR C 14 -3.51 6.89 -17.39
N PHE C 15 -4.38 7.88 -17.56
CA PHE C 15 -5.77 7.59 -17.92
C PHE C 15 -6.36 8.56 -18.96
N MET D 8 9.39 8.67 -4.31
CA MET D 8 8.67 8.76 -3.03
C MET D 8 9.60 8.52 -1.84
N LYS D 9 9.62 9.48 -0.90
CA LYS D 9 10.31 9.27 0.37
C LYS D 9 9.48 8.33 1.23
N ILE D 10 10.13 7.57 2.08
CA ILE D 10 9.41 6.66 2.94
C ILE D 10 9.89 6.84 4.38
N PRO D 11 8.95 7.02 5.32
CA PRO D 11 9.36 7.05 6.72
C PRO D 11 10.00 5.72 7.13
N LYS D 12 11.05 5.77 7.96
CA LYS D 12 11.69 4.57 8.42
C LYS D 12 11.20 4.19 9.81
N PHE D 13 10.75 2.96 9.92
CA PHE D 13 10.34 2.39 11.19
C PHE D 13 11.33 1.26 11.49
N THR D 14 11.56 0.99 12.78
CA THR D 14 12.62 0.07 13.19
C THR D 14 12.08 -0.99 14.16
N PHE D 15 12.86 -2.05 14.41
CA PHE D 15 12.48 -3.08 15.37
C PHE D 15 13.69 -3.82 15.95
#